data_8E6D
#
_entry.id   8E6D
#
_cell.length_a   101.410
_cell.length_b   57.238
_cell.length_c   49.835
_cell.angle_alpha   90.000
_cell.angle_beta   112.600
_cell.angle_gamma   90.000
#
_symmetry.space_group_name_H-M   'C 1 2 1'
#
loop_
_entity.id
_entity.type
_entity.pdbx_description
1 polymer 'Orf1a protein'
2 non-polymer '(1R,2S)-2-{[N-({2-[(4-fluorophenyl)sulfanyl]-2-methylpropoxy}carbonyl)-L-leucyl]amino}-1-hydroxy-3-[(3S)-2-oxopyrrolidin-3-yl]propane-1-sulfonic acid'
3 water water
#
_entity_poly.entity_id   1
_entity_poly.type   'polypeptide(L)'
_entity_poly.pdbx_seq_one_letter_code
;MHHHHHHSGLVKMSHPSGDVEACMVQVTCGSMTLNGLWLDNTVWCPRHVMCPADQLSDPNYDALLISMTNHSFSVQKHIG
APANLRVVGHAMQGTLLKLTVDVANPSTPAYTFTTVKPGAAFSVLACYNGRPTGTFTVVMRPNYTIKGSFLCGSCGSVGY
TKEGSVINFCYMHQMELANGTHTGSAFDGTMYGAFMDKQVHQVQLTDKYCSVNVVAWLYAAILNGCAWFVKPNRTSVVSF
NEWALANQFTEFVGTQSVDMLAVKTGVAIEQLLYAIQQLYTGFQGKQILGSTMLEDEFTPEDVNMQIMGVVMQ
;
_entity_poly.pdbx_strand_id   A
#
loop_
_chem_comp.id
_chem_comp.type
_chem_comp.name
_chem_comp.formula
UTL non-polymer '(1R,2S)-2-{[N-({2-[(4-fluorophenyl)sulfanyl]-2-methylpropoxy}carbonyl)-L-leucyl]amino}-1-hydroxy-3-[(3S)-2-oxopyrrolidin-3-yl]propane-1-sulfonic acid' 'C24 H36 F N3 O8 S2'
#
# COMPACT_ATOMS: atom_id res chain seq x y z
N HIS A 6 17.99 -2.06 -23.54
CA HIS A 6 18.66 -2.09 -22.25
C HIS A 6 17.65 -2.13 -21.10
N HIS A 7 17.65 -3.24 -20.35
CA HIS A 7 16.78 -3.35 -19.20
C HIS A 7 17.22 -2.39 -18.10
N SER A 8 16.24 -1.77 -17.44
CA SER A 8 16.56 -0.79 -16.40
C SER A 8 17.18 -1.43 -15.18
N GLY A 9 16.76 -2.65 -14.83
CA GLY A 9 17.15 -3.25 -13.58
C GLY A 9 16.18 -2.99 -12.45
N LEU A 10 15.00 -2.46 -12.73
CA LEU A 10 13.97 -2.20 -11.73
C LEU A 10 12.81 -3.17 -11.94
N VAL A 11 12.42 -3.86 -10.87
CA VAL A 11 11.27 -4.73 -10.88
C VAL A 11 10.42 -4.41 -9.67
N LYS A 12 9.18 -4.90 -9.68
CA LYS A 12 8.30 -4.73 -8.54
C LYS A 12 8.78 -5.65 -7.42
N MET A 13 9.62 -5.11 -6.54
CA MET A 13 10.28 -5.90 -5.50
C MET A 13 9.45 -5.87 -4.23
N SER A 14 9.19 -7.04 -3.67
CA SER A 14 8.41 -7.19 -2.45
C SER A 14 9.33 -7.67 -1.33
N HIS A 15 9.05 -7.20 -0.12
CA HIS A 15 9.81 -7.65 1.04
C HIS A 15 9.59 -9.15 1.24
N PRO A 16 10.59 -9.86 1.76
CA PRO A 16 10.36 -11.26 2.14
C PRO A 16 9.23 -11.35 3.16
N SER A 17 8.30 -12.27 2.90
CA SER A 17 7.06 -12.35 3.66
C SER A 17 7.06 -13.48 4.69
N GLY A 18 8.21 -14.09 4.95
CA GLY A 18 8.26 -15.21 5.88
C GLY A 18 7.83 -14.82 7.29
N ASP A 19 8.27 -13.65 7.75
CA ASP A 19 7.88 -13.18 9.08
C ASP A 19 6.38 -12.96 9.16
N VAL A 20 5.79 -12.34 8.14
CA VAL A 20 4.36 -12.06 8.15
C VAL A 20 3.55 -13.33 7.98
N GLU A 21 4.08 -14.31 7.24
CA GLU A 21 3.35 -15.56 7.02
C GLU A 21 3.01 -16.25 8.33
N ALA A 22 3.95 -16.28 9.27
CA ALA A 22 3.73 -16.91 10.56
C ALA A 22 2.69 -16.18 11.41
N CYS A 23 2.32 -14.96 11.04
CA CYS A 23 1.32 -14.19 11.78
C CYS A 23 -0.07 -14.27 11.18
N MET A 24 -0.26 -15.07 10.15
CA MET A 24 -1.55 -15.17 9.46
C MET A 24 -2.41 -16.24 10.13
N VAL A 25 -3.68 -15.89 10.38
CA VAL A 25 -4.65 -16.82 10.94
C VAL A 25 -5.95 -16.67 10.17
N GLN A 26 -6.83 -17.66 10.36
CA GLN A 26 -8.16 -17.65 9.76
C GLN A 26 -9.17 -17.30 10.85
N VAL A 27 -9.99 -16.28 10.58
CA VAL A 27 -11.00 -15.80 11.53
C VAL A 27 -12.37 -16.06 10.91
N THR A 28 -13.19 -16.83 11.62
CA THR A 28 -14.56 -17.11 11.21
C THR A 28 -15.52 -16.61 12.28
N CYS A 29 -16.54 -15.86 11.86
CA CYS A 29 -17.53 -15.28 12.76
C CYS A 29 -18.93 -15.63 12.29
N GLY A 30 -19.15 -16.91 12.00
CA GLY A 30 -20.43 -17.36 11.51
C GLY A 30 -20.37 -17.82 10.07
N SER A 31 -21.17 -17.19 9.20
CA SER A 31 -21.26 -17.59 7.81
C SER A 31 -20.14 -17.03 6.94
N MET A 32 -19.27 -16.18 7.48
CA MET A 32 -18.19 -15.58 6.71
C MET A 32 -16.85 -15.85 7.37
N THR A 33 -15.82 -16.05 6.54
CA THR A 33 -14.46 -16.26 7.01
C THR A 33 -13.52 -15.34 6.24
N LEU A 34 -12.45 -14.93 6.91
CA LEU A 34 -11.42 -14.08 6.31
C LEU A 34 -10.11 -14.33 7.04
N ASN A 35 -9.14 -13.45 6.82
CA ASN A 35 -7.80 -13.60 7.37
C ASN A 35 -7.59 -12.61 8.50
N GLY A 36 -6.72 -12.99 9.43
CA GLY A 36 -6.40 -12.15 10.57
C GLY A 36 -4.91 -12.11 10.82
N LEU A 37 -4.49 -11.04 11.49
CA LEU A 37 -3.08 -10.82 11.83
C LEU A 37 -2.89 -11.16 13.31
N TRP A 38 -2.03 -12.14 13.57
CA TRP A 38 -1.79 -12.63 14.93
C TRP A 38 -0.45 -12.06 15.41
N LEU A 39 -0.52 -11.07 16.31
CA LEU A 39 0.65 -10.51 16.95
C LEU A 39 0.44 -10.54 18.46
N ASP A 40 1.36 -11.19 19.17
CA ASP A 40 1.29 -11.34 20.63
C ASP A 40 -0.04 -12.02 20.96
N ASN A 41 -0.80 -11.56 21.95
CA ASN A 41 -2.09 -12.12 22.30
C ASN A 41 -3.25 -11.37 21.64
N THR A 42 -2.99 -10.71 20.52
CA THR A 42 -4.00 -9.91 19.82
C THR A 42 -4.12 -10.39 18.39
N VAL A 43 -5.36 -10.59 17.94
CA VAL A 43 -5.65 -10.94 16.56
C VAL A 43 -6.45 -9.79 15.94
N TRP A 44 -5.91 -9.21 14.88
CA TRP A 44 -6.57 -8.13 14.14
C TRP A 44 -7.23 -8.70 12.89
N CYS A 45 -8.44 -8.23 12.60
CA CYS A 45 -9.15 -8.65 11.41
C CYS A 45 -10.17 -7.57 11.05
N PRO A 46 -10.63 -7.54 9.80
CA PRO A 46 -11.66 -6.57 9.42
C PRO A 46 -12.94 -6.80 10.22
N ARG A 47 -13.67 -5.72 10.49
CA ARG A 47 -14.83 -5.79 11.36
C ARG A 47 -16.08 -6.32 10.67
N HIS A 48 -16.11 -6.40 9.34
CA HIS A 48 -17.28 -6.89 8.64
C HIS A 48 -17.36 -8.41 8.62
N VAL A 49 -16.50 -9.09 9.36
CA VAL A 49 -16.57 -10.55 9.43
C VAL A 49 -17.83 -10.97 10.19
N MET A 50 -18.24 -10.18 11.19
CA MET A 50 -19.44 -10.48 11.95
C MET A 50 -20.71 -10.27 11.15
N CYS A 51 -20.66 -9.47 10.09
CA CYS A 51 -21.86 -9.07 9.38
C CYS A 51 -22.48 -10.25 8.64
N PRO A 52 -23.78 -10.46 8.74
CA PRO A 52 -24.45 -11.45 7.88
C PRO A 52 -24.47 -10.96 6.44
N ALA A 53 -24.58 -11.93 5.52
CA ALA A 53 -24.52 -11.63 4.10
C ALA A 53 -25.70 -10.77 3.63
N ASP A 54 -26.83 -10.80 4.35
CA ASP A 54 -27.99 -10.01 3.97
C ASP A 54 -27.93 -8.57 4.49
N GLN A 55 -26.88 -8.22 5.25
CA GLN A 55 -26.75 -6.89 5.83
C GLN A 55 -25.39 -6.28 5.52
N LEU A 56 -24.82 -6.59 4.34
CA LEU A 56 -23.51 -6.06 3.99
C LEU A 56 -23.56 -4.65 3.43
N SER A 57 -24.71 -4.18 2.98
CA SER A 57 -24.79 -2.86 2.36
C SER A 57 -24.70 -1.74 3.39
N ASP A 58 -25.49 -1.82 4.46
CA ASP A 58 -25.44 -0.85 5.56
C ASP A 58 -25.39 -1.58 6.91
N PRO A 59 -24.25 -2.17 7.27
CA PRO A 59 -24.13 -2.79 8.58
C PRO A 59 -24.35 -1.77 9.70
N ASN A 60 -24.87 -2.25 10.82
CA ASN A 60 -24.84 -1.51 12.07
C ASN A 60 -23.81 -2.23 12.95
N TYR A 61 -22.54 -1.82 12.82
CA TYR A 61 -21.46 -2.59 13.44
C TYR A 61 -21.51 -2.52 14.96
N ASP A 62 -21.96 -1.40 15.52
CA ASP A 62 -22.03 -1.29 16.98
C ASP A 62 -22.99 -2.32 17.56
N ALA A 63 -24.16 -2.48 16.94
CA ALA A 63 -25.10 -3.50 17.39
C ALA A 63 -24.56 -4.90 17.18
N LEU A 64 -23.87 -5.13 16.06
CA LEU A 64 -23.33 -6.45 15.77
C LEU A 64 -22.28 -6.85 16.81
N LEU A 65 -21.41 -5.90 17.18
CA LEU A 65 -20.37 -6.19 18.16
C LEU A 65 -20.97 -6.59 19.50
N ILE A 66 -22.01 -5.88 19.94
CA ILE A 66 -22.66 -6.20 21.21
C ILE A 66 -23.29 -7.59 21.14
N SER A 67 -23.82 -7.95 19.97
CA SER A 67 -24.40 -9.27 19.79
C SER A 67 -23.38 -10.39 19.81
N MET A 68 -22.09 -10.08 19.76
CA MET A 68 -21.07 -11.12 19.70
C MET A 68 -20.63 -11.53 21.10
N THR A 69 -19.97 -12.69 21.14
CA THR A 69 -19.51 -13.30 22.38
C THR A 69 -18.09 -13.81 22.16
N ASN A 70 -17.30 -13.84 23.24
CA ASN A 70 -15.92 -14.32 23.14
C ASN A 70 -15.84 -15.68 22.47
N HIS A 71 -16.76 -16.59 22.81
CA HIS A 71 -16.75 -17.93 22.24
C HIS A 71 -17.19 -17.97 20.78
N SER A 72 -17.82 -16.91 20.28
CA SER A 72 -18.37 -16.92 18.93
C SER A 72 -17.38 -16.49 17.85
N PHE A 73 -16.14 -16.16 18.24
CA PHE A 73 -15.08 -15.90 17.28
C PHE A 73 -14.20 -17.13 17.17
N SER A 74 -14.02 -17.64 15.96
CA SER A 74 -13.22 -18.82 15.70
C SER A 74 -11.94 -18.40 14.98
N VAL A 75 -10.80 -18.62 15.63
CA VAL A 75 -9.50 -18.29 15.07
C VAL A 75 -8.73 -19.59 14.88
N GLN A 76 -8.29 -19.84 13.65
CA GLN A 76 -7.58 -21.07 13.30
C GLN A 76 -6.35 -20.74 12.46
N LYS A 77 -5.25 -21.41 12.77
CA LYS A 77 -4.00 -21.28 12.02
C LYS A 77 -3.70 -22.59 11.32
N HIS A 78 -3.34 -22.52 10.04
CA HIS A 78 -3.03 -23.71 9.26
C HIS A 78 -1.52 -23.84 9.04
N ALA A 83 -3.52 -25.33 14.32
CA ALA A 83 -3.69 -24.75 15.64
C ALA A 83 -4.92 -23.86 15.70
N ASN A 84 -5.79 -24.13 16.67
CA ASN A 84 -7.02 -23.38 16.87
C ASN A 84 -6.89 -22.49 18.09
N LEU A 85 -7.23 -21.22 17.93
CA LEU A 85 -7.03 -20.21 18.97
C LEU A 85 -8.35 -19.89 19.66
N ARG A 86 -8.33 -19.87 20.99
CA ARG A 86 -9.49 -19.52 21.78
C ARG A 86 -9.49 -18.01 22.07
N VAL A 87 -10.64 -17.38 21.90
CA VAL A 87 -10.77 -15.94 22.07
C VAL A 87 -11.19 -15.64 23.50
N VAL A 88 -10.42 -14.79 24.18
CA VAL A 88 -10.70 -14.39 25.55
C VAL A 88 -11.06 -12.92 25.67
N GLY A 89 -11.03 -12.16 24.58
CA GLY A 89 -11.39 -10.76 24.60
C GLY A 89 -11.60 -10.18 23.22
N HIS A 90 -12.71 -9.48 23.02
CA HIS A 90 -13.03 -8.88 21.74
C HIS A 90 -13.35 -7.40 21.92
N ALA A 91 -12.80 -6.58 21.03
CA ALA A 91 -13.01 -5.15 21.06
C ALA A 91 -12.90 -4.61 19.64
N MET A 92 -13.49 -3.42 19.43
CA MET A 92 -13.54 -2.80 18.12
C MET A 92 -12.84 -1.45 18.16
N GLN A 93 -12.02 -1.19 17.13
CA GLN A 93 -11.39 0.11 16.93
C GLN A 93 -11.53 0.47 15.46
N GLY A 94 -12.33 1.49 15.17
CA GLY A 94 -12.55 1.88 13.79
C GLY A 94 -13.20 0.77 13.00
N THR A 95 -12.61 0.45 11.84
CA THR A 95 -13.10 -0.61 10.98
C THR A 95 -12.35 -1.92 11.19
N LEU A 96 -11.79 -2.13 12.38
CA LEU A 96 -11.02 -3.32 12.69
C LEU A 96 -11.48 -3.91 14.01
N LEU A 97 -11.27 -5.22 14.16
CA LEU A 97 -11.59 -5.94 15.39
C LEU A 97 -10.30 -6.26 16.14
N LYS A 98 -10.32 -6.04 17.44
CA LYS A 98 -9.19 -6.35 18.32
C LYS A 98 -9.58 -7.56 19.16
N LEU A 99 -9.25 -8.74 18.66
CA LEU A 99 -9.56 -10.00 19.36
C LEU A 99 -8.36 -10.42 20.20
N THR A 100 -8.62 -10.70 21.47
CA THR A 100 -7.59 -11.19 22.39
C THR A 100 -7.67 -12.70 22.49
N VAL A 101 -6.51 -13.35 22.48
CA VAL A 101 -6.42 -14.80 22.54
C VAL A 101 -5.53 -15.20 23.71
N ASP A 102 -5.76 -16.41 24.20
CA ASP A 102 -5.04 -16.92 25.37
C ASP A 102 -3.60 -17.35 25.04
N VAL A 103 -3.25 -17.45 23.77
CA VAL A 103 -1.93 -17.90 23.35
C VAL A 103 -1.27 -16.79 22.54
N ALA A 104 -0.06 -16.40 22.93
CA ALA A 104 0.72 -15.42 22.20
C ALA A 104 1.49 -16.08 21.08
N ASN A 105 1.57 -15.40 19.93
CA ASN A 105 2.25 -15.94 18.76
C ASN A 105 3.74 -16.09 19.03
N PRO A 106 4.28 -17.31 19.10
CA PRO A 106 5.71 -17.46 19.36
C PRO A 106 6.60 -16.90 18.26
N SER A 107 6.08 -16.76 17.04
CA SER A 107 6.84 -16.21 15.92
C SER A 107 6.55 -14.73 15.69
N THR A 108 6.16 -14.02 16.74
CA THR A 108 5.88 -12.59 16.61
C THR A 108 7.18 -11.83 16.35
N PRO A 109 7.28 -11.09 15.26
CA PRO A 109 8.49 -10.30 14.99
C PRO A 109 8.39 -8.93 15.66
N ALA A 110 9.53 -8.24 15.71
CA ALA A 110 9.54 -6.85 16.12
C ALA A 110 8.76 -6.03 15.11
N TYR A 111 7.70 -5.36 15.58
CA TYR A 111 6.77 -4.72 14.68
C TYR A 111 6.32 -3.37 15.24
N THR A 112 5.93 -2.49 14.34
CA THR A 112 5.30 -1.22 14.68
C THR A 112 4.10 -1.02 13.76
N PHE A 113 3.19 -0.15 14.17
CA PHE A 113 2.05 0.25 13.36
C PHE A 113 2.30 1.65 12.82
N THR A 114 2.09 1.82 11.51
CA THR A 114 2.34 3.09 10.85
C THR A 114 1.31 3.31 9.76
N THR A 115 1.15 4.57 9.37
CA THR A 115 0.26 4.96 8.28
C THR A 115 1.09 5.32 7.06
N VAL A 116 0.79 4.69 5.93
CA VAL A 116 1.50 4.92 4.69
C VAL A 116 0.87 6.11 3.98
N LYS A 117 1.65 6.80 3.16
CA LYS A 117 1.26 8.04 2.52
C LYS A 117 1.22 7.86 1.01
N PRO A 118 0.50 8.72 0.29
CA PRO A 118 0.48 8.64 -1.17
C PRO A 118 1.89 8.75 -1.74
N GLY A 119 2.17 7.93 -2.76
CA GLY A 119 3.48 7.86 -3.36
C GLY A 119 4.43 6.87 -2.73
N ALA A 120 4.13 6.40 -1.52
CA ALA A 120 4.96 5.42 -0.85
C ALA A 120 4.51 4.01 -1.21
N ALA A 121 5.46 3.08 -1.19
CA ALA A 121 5.23 1.70 -1.59
C ALA A 121 5.33 0.77 -0.38
N PHE A 122 4.49 -0.26 -0.36
CA PHE A 122 4.49 -1.26 0.69
C PHE A 122 4.20 -2.63 0.10
N SER A 123 4.64 -3.66 0.82
CA SER A 123 4.44 -5.04 0.39
C SER A 123 3.13 -5.58 0.94
N VAL A 124 2.46 -6.41 0.14
CA VAL A 124 1.16 -6.98 0.49
C VAL A 124 1.28 -8.50 0.44
N LEU A 125 0.79 -9.17 1.49
CA LEU A 125 0.72 -10.62 1.54
C LEU A 125 -0.74 -11.03 1.38
N ALA A 126 -1.11 -11.43 0.17
CA ALA A 126 -2.47 -11.87 -0.11
C ALA A 126 -2.71 -13.26 0.47
N CYS A 127 -3.82 -13.42 1.19
CA CYS A 127 -4.14 -14.66 1.85
C CYS A 127 -5.60 -15.04 1.60
N TYR A 128 -5.90 -16.32 1.79
CA TYR A 128 -7.25 -16.84 1.67
C TYR A 128 -7.41 -17.98 2.66
N ASN A 129 -8.45 -17.92 3.49
CA ASN A 129 -8.71 -18.91 4.54
C ASN A 129 -7.55 -19.02 5.52
N GLY A 130 -6.82 -17.91 5.72
CA GLY A 130 -5.68 -17.91 6.61
C GLY A 130 -4.40 -18.46 6.01
N ARG A 131 -4.41 -18.87 4.75
CA ARG A 131 -3.24 -19.42 4.09
C ARG A 131 -2.70 -18.43 3.08
N PRO A 132 -1.48 -17.92 3.26
CA PRO A 132 -0.92 -16.98 2.27
C PRO A 132 -0.83 -17.62 0.89
N THR A 133 -1.17 -16.83 -0.12
CA THR A 133 -1.19 -17.31 -1.50
CA THR A 133 -1.19 -17.31 -1.50
C THR A 133 -0.21 -16.58 -2.41
N GLY A 134 0.02 -15.29 -2.19
CA GLY A 134 0.94 -14.54 -3.01
C GLY A 134 1.32 -13.24 -2.35
N THR A 135 2.38 -12.64 -2.86
CA THR A 135 2.86 -11.35 -2.37
C THR A 135 3.16 -10.43 -3.53
N PHE A 136 2.99 -9.13 -3.30
CA PHE A 136 3.26 -8.12 -4.30
C PHE A 136 3.42 -6.78 -3.60
N THR A 137 3.97 -5.81 -4.33
CA THR A 137 4.18 -4.46 -3.83
C THR A 137 3.30 -3.49 -4.59
N VAL A 138 2.70 -2.54 -3.87
CA VAL A 138 1.85 -1.53 -4.45
C VAL A 138 2.25 -0.16 -3.90
N VAL A 139 1.90 0.87 -4.66
CA VAL A 139 2.11 2.26 -4.26
C VAL A 139 0.74 2.86 -3.93
N MET A 140 0.63 3.45 -2.73
CA MET A 140 -0.62 4.08 -2.33
C MET A 140 -0.89 5.30 -3.20
N ARG A 141 -1.98 5.24 -3.98
CA ARG A 141 -2.28 6.30 -4.92
C ARG A 141 -2.81 7.55 -4.20
N PRO A 142 -2.72 8.71 -4.85
CA PRO A 142 -3.21 9.94 -4.21
C PRO A 142 -4.66 9.87 -3.75
N ASN A 143 -5.53 9.16 -4.48
CA ASN A 143 -6.90 8.97 -4.05
C ASN A 143 -7.04 7.94 -2.95
N TYR A 144 -5.92 7.53 -2.35
CA TYR A 144 -5.90 6.58 -1.24
C TYR A 144 -6.53 5.24 -1.63
N THR A 145 -6.22 4.79 -2.84
CA THR A 145 -6.52 3.44 -3.30
C THR A 145 -5.22 2.78 -3.75
N ILE A 146 -5.29 1.48 -3.98
CA ILE A 146 -4.16 0.72 -4.49
C ILE A 146 -4.62 -0.13 -5.66
N LYS A 147 -3.69 -0.38 -6.59
CA LYS A 147 -3.96 -1.22 -7.76
C LYS A 147 -3.43 -2.63 -7.46
N GLY A 148 -4.19 -3.36 -6.65
CA GLY A 148 -3.81 -4.69 -6.23
C GLY A 148 -4.54 -5.77 -7.00
N SER A 149 -4.36 -7.01 -6.54
CA SER A 149 -5.02 -8.19 -7.10
C SER A 149 -5.67 -8.93 -5.93
N PHE A 150 -6.94 -8.66 -5.69
CA PHE A 150 -7.68 -9.24 -4.59
C PHE A 150 -8.98 -9.85 -5.10
N LEU A 151 -9.42 -10.92 -4.43
CA LEU A 151 -10.66 -11.58 -4.77
C LEU A 151 -11.51 -11.78 -3.51
N CYS A 152 -12.61 -12.52 -3.64
CA CYS A 152 -13.46 -12.79 -2.48
C CYS A 152 -12.72 -13.62 -1.45
N GLY A 153 -12.77 -13.18 -0.20
CA GLY A 153 -12.07 -13.85 0.88
C GLY A 153 -10.67 -13.35 1.15
N SER A 154 -10.20 -12.34 0.42
CA SER A 154 -8.86 -11.81 0.59
C SER A 154 -8.79 -10.76 1.70
N CYS A 155 -9.91 -10.40 2.31
CA CYS A 155 -9.90 -9.39 3.37
C CYS A 155 -9.17 -9.92 4.59
N GLY A 156 -8.39 -9.04 5.21
CA GLY A 156 -7.46 -9.42 6.25
C GLY A 156 -6.04 -9.57 5.77
N SER A 157 -5.82 -9.60 4.46
CA SER A 157 -4.47 -9.53 3.92
C SER A 157 -3.82 -8.21 4.33
N VAL A 158 -2.57 -8.29 4.76
CA VAL A 158 -1.89 -7.18 5.43
C VAL A 158 -0.87 -6.57 4.49
N GLY A 159 -0.81 -5.24 4.47
CA GLY A 159 0.24 -4.51 3.80
C GLY A 159 1.25 -4.00 4.83
N TYR A 160 2.52 -4.05 4.47
CA TYR A 160 3.57 -3.78 5.44
C TYR A 160 4.80 -3.23 4.75
N THR A 161 5.62 -2.51 5.53
CA THR A 161 6.94 -2.06 5.13
C THR A 161 7.96 -2.59 6.12
N LYS A 162 9.21 -2.70 5.67
CA LYS A 162 10.29 -3.22 6.49
C LYS A 162 11.36 -2.16 6.67
N GLU A 163 11.76 -1.93 7.92
CA GLU A 163 12.84 -1.02 8.28
C GLU A 163 13.80 -1.81 9.17
N GLY A 164 14.77 -2.48 8.54
CA GLY A 164 15.67 -3.34 9.29
C GLY A 164 15.00 -4.67 9.59
N SER A 165 15.03 -5.08 10.85
CA SER A 165 14.33 -6.27 11.29
C SER A 165 12.93 -5.96 11.82
N VAL A 166 12.48 -4.71 11.72
CA VAL A 166 11.20 -4.27 12.24
C VAL A 166 10.22 -4.15 11.08
N ILE A 167 9.03 -4.75 11.24
CA ILE A 167 7.99 -4.73 10.22
C ILE A 167 6.95 -3.70 10.63
N ASN A 168 6.70 -2.73 9.74
CA ASN A 168 5.70 -1.70 9.98
C ASN A 168 4.44 -2.06 9.20
N PHE A 169 3.46 -2.61 9.91
CA PHE A 169 2.17 -2.91 9.28
C PHE A 169 1.42 -1.61 9.01
N CYS A 170 0.88 -1.48 7.80
CA CYS A 170 0.27 -0.22 7.38
C CYS A 170 -1.04 -0.38 6.62
N TYR A 171 -1.50 -1.60 6.36
CA TYR A 171 -2.65 -1.78 5.49
C TYR A 171 -3.31 -3.12 5.80
N MET A 172 -4.65 -3.12 5.78
CA MET A 172 -5.42 -4.36 5.85
C MET A 172 -6.55 -4.26 4.85
N HIS A 173 -6.60 -5.20 3.90
CA HIS A 173 -7.54 -5.10 2.79
C HIS A 173 -8.98 -5.20 3.29
N GLN A 174 -9.83 -4.32 2.77
CA GLN A 174 -11.22 -4.25 3.19
C GLN A 174 -12.21 -4.33 2.03
N MET A 175 -11.90 -3.74 0.88
CA MET A 175 -12.90 -3.65 -0.17
C MET A 175 -12.23 -3.38 -1.51
N GLU A 176 -12.98 -3.65 -2.58
CA GLU A 176 -12.61 -3.32 -3.94
C GLU A 176 -13.58 -2.28 -4.48
N LEU A 177 -13.06 -1.30 -5.22
CA LEU A 177 -13.88 -0.22 -5.73
C LEU A 177 -14.46 -0.60 -7.10
N ALA A 178 -15.32 0.28 -7.63
CA ALA A 178 -15.95 0.01 -8.91
C ALA A 178 -14.95 0.02 -10.06
N ASN A 179 -13.89 0.81 -9.95
CA ASN A 179 -12.89 0.91 -11.01
C ASN A 179 -11.85 -0.21 -10.95
N GLY A 180 -12.02 -1.19 -10.06
CA GLY A 180 -11.10 -2.29 -9.95
C GLY A 180 -9.97 -2.09 -8.98
N THR A 181 -9.80 -0.89 -8.45
CA THR A 181 -8.78 -0.64 -7.44
C THR A 181 -9.24 -1.18 -6.09
N HIS A 182 -8.38 -1.08 -5.09
CA HIS A 182 -8.66 -1.60 -3.77
C HIS A 182 -8.28 -0.57 -2.72
N THR A 183 -8.93 -0.66 -1.56
CA THR A 183 -8.61 0.18 -0.42
C THR A 183 -8.81 -0.62 0.85
N GLY A 184 -8.17 -0.18 1.91
CA GLY A 184 -8.22 -0.86 3.19
C GLY A 184 -8.18 0.13 4.32
N SER A 185 -7.64 -0.31 5.46
CA SER A 185 -7.57 0.51 6.64
C SER A 185 -6.21 0.35 7.30
N ALA A 186 -5.75 1.40 7.96
CA ALA A 186 -4.58 1.30 8.81
C ALA A 186 -4.96 0.57 10.10
N PHE A 187 -3.95 0.27 10.91
CA PHE A 187 -4.16 -0.51 12.12
C PHE A 187 -4.58 0.35 13.31
N ASP A 188 -4.93 1.61 13.08
CA ASP A 188 -5.62 2.43 14.07
C ASP A 188 -7.13 2.40 13.88
N GLY A 189 -7.63 1.66 12.89
CA GLY A 189 -9.04 1.54 12.62
C GLY A 189 -9.57 2.41 11.49
N THR A 190 -8.79 3.38 11.03
CA THR A 190 -9.25 4.31 10.01
C THR A 190 -8.95 3.76 8.62
N MET A 191 -9.98 3.71 7.79
CA MET A 191 -9.77 3.42 6.37
C MET A 191 -9.02 4.56 5.70
N TYR A 192 -8.23 4.22 4.69
CA TYR A 192 -7.54 5.26 3.93
C TYR A 192 -8.53 6.03 3.07
N GLY A 193 -8.34 7.34 2.97
CA GLY A 193 -9.27 8.15 2.22
C GLY A 193 -10.61 8.28 2.93
N ALA A 194 -11.61 8.71 2.15
CA ALA A 194 -12.96 8.92 2.65
C ALA A 194 -13.87 7.71 2.44
N PHE A 195 -13.30 6.51 2.39
CA PHE A 195 -14.07 5.30 2.14
C PHE A 195 -14.55 4.68 3.45
N MET A 196 -15.73 4.06 3.39
CA MET A 196 -16.35 3.40 4.53
C MET A 196 -16.63 1.95 4.18
N ASP A 197 -16.41 1.06 5.15
CA ASP A 197 -16.52 -0.38 4.91
C ASP A 197 -17.98 -0.81 4.78
N LYS A 198 -18.63 -0.39 3.70
CA LYS A 198 -20.01 -0.76 3.40
C LYS A 198 -20.11 -1.17 1.94
N GLN A 199 -20.96 -2.15 1.66
CA GLN A 199 -21.12 -2.67 0.30
C GLN A 199 -22.06 -1.78 -0.50
N VAL A 200 -21.63 -0.53 -0.69
CA VAL A 200 -22.33 0.45 -1.51
C VAL A 200 -21.29 1.15 -2.39
N HIS A 201 -21.78 1.77 -3.46
CA HIS A 201 -20.90 2.58 -4.29
C HIS A 201 -20.52 3.84 -3.54
N GLN A 202 -19.23 4.14 -3.51
CA GLN A 202 -18.71 5.32 -2.81
C GLN A 202 -17.98 6.21 -3.80
N VAL A 203 -18.09 7.53 -3.58
CA VAL A 203 -17.40 8.48 -4.43
C VAL A 203 -15.91 8.32 -4.25
N GLN A 204 -15.19 8.13 -5.36
CA GLN A 204 -13.75 7.95 -5.34
C GLN A 204 -13.07 9.23 -5.82
N LEU A 205 -12.05 9.67 -5.09
CA LEU A 205 -11.33 10.87 -5.47
C LEU A 205 -10.52 10.61 -6.74
N THR A 206 -10.12 11.71 -7.38
CA THR A 206 -9.32 11.60 -8.60
C THR A 206 -7.94 11.04 -8.28
N ASP A 207 -7.37 10.35 -9.26
CA ASP A 207 -6.00 9.85 -9.17
C ASP A 207 -5.06 10.80 -9.88
N LYS A 208 -3.83 10.88 -9.38
CA LYS A 208 -2.84 11.82 -9.89
C LYS A 208 -1.50 11.12 -10.05
N TYR A 209 -0.69 11.66 -10.95
CA TYR A 209 0.69 11.21 -11.09
C TYR A 209 1.50 11.67 -9.89
N CYS A 210 2.25 10.76 -9.28
CA CYS A 210 3.12 11.11 -8.17
CA CYS A 210 3.12 11.11 -8.17
C CYS A 210 4.39 11.75 -8.73
N SER A 211 4.56 13.05 -8.49
CA SER A 211 5.71 13.76 -9.05
C SER A 211 7.02 13.24 -8.48
N VAL A 212 7.02 12.88 -7.18
CA VAL A 212 8.23 12.37 -6.55
C VAL A 212 8.66 11.06 -7.22
N ASN A 213 7.69 10.18 -7.50
CA ASN A 213 8.02 8.89 -8.08
C ASN A 213 8.42 9.01 -9.55
N VAL A 214 7.80 9.93 -10.29
CA VAL A 214 8.16 10.10 -11.69
C VAL A 214 9.58 10.64 -11.81
N VAL A 215 9.95 11.59 -10.94
CA VAL A 215 11.32 12.09 -10.92
C VAL A 215 12.31 10.97 -10.63
N ALA A 216 11.95 10.09 -9.70
CA ALA A 216 12.79 8.92 -9.42
C ALA A 216 12.90 8.03 -10.65
N TRP A 217 11.79 7.82 -11.35
CA TRP A 217 11.81 7.02 -12.57
C TRP A 217 12.68 7.68 -13.63
N LEU A 218 12.59 9.00 -13.77
CA LEU A 218 13.43 9.72 -14.72
C LEU A 218 14.90 9.62 -14.33
N TYR A 219 15.20 9.68 -13.04
CA TYR A 219 16.58 9.52 -12.59
C TYR A 219 17.11 8.13 -12.92
N ALA A 220 16.27 7.10 -12.77
CA ALA A 220 16.69 5.75 -13.10
C ALA A 220 17.05 5.62 -14.58
N ALA A 221 16.41 6.41 -15.44
CA ALA A 221 16.78 6.43 -16.86
C ALA A 221 18.20 6.93 -17.05
N ILE A 222 18.57 7.98 -16.31
CA ILE A 222 19.92 8.53 -16.40
C ILE A 222 20.93 7.50 -15.91
N LEU A 223 20.57 6.75 -14.86
CA LEU A 223 21.43 5.70 -14.34
C LEU A 223 21.57 4.51 -15.28
N ASN A 224 20.75 4.44 -16.34
CA ASN A 224 20.83 3.37 -17.33
C ASN A 224 21.24 3.86 -18.71
N GLY A 225 21.74 5.09 -18.81
CA GLY A 225 22.20 5.63 -20.08
C GLY A 225 21.15 6.36 -20.90
N CYS A 226 19.90 6.44 -20.43
CA CYS A 226 18.83 7.12 -21.15
C CYS A 226 18.68 8.53 -20.58
N ALA A 227 19.17 9.52 -21.33
CA ALA A 227 19.09 10.90 -20.88
C ALA A 227 18.77 11.86 -22.02
N TRP A 228 18.05 11.38 -23.04
CA TRP A 228 17.67 12.25 -24.15
C TRP A 228 16.71 13.34 -23.71
N PHE A 229 15.92 13.07 -22.67
CA PHE A 229 14.92 14.02 -22.18
C PHE A 229 15.52 15.12 -21.31
N VAL A 230 16.78 14.99 -20.90
CA VAL A 230 17.39 15.96 -19.99
C VAL A 230 17.83 17.17 -20.79
N LYS A 231 17.38 18.35 -20.37
CA LYS A 231 17.79 19.63 -20.94
C LYS A 231 18.22 20.56 -19.81
N PRO A 232 19.15 21.47 -20.07
CA PRO A 232 19.59 22.39 -19.02
C PRO A 232 18.50 23.32 -18.52
N ASN A 233 17.41 23.48 -19.26
CA ASN A 233 16.28 24.27 -18.77
C ASN A 233 15.72 23.65 -17.49
N ARG A 234 15.36 24.50 -16.55
CA ARG A 234 14.89 24.06 -15.24
C ARG A 234 13.56 24.72 -14.91
N THR A 235 12.76 24.01 -14.11
CA THR A 235 11.51 24.53 -13.58
C THR A 235 11.56 24.44 -12.06
N SER A 236 11.32 25.57 -11.40
CA SER A 236 11.39 25.60 -9.94
C SER A 236 10.27 24.76 -9.34
N VAL A 237 10.49 24.31 -8.10
CA VAL A 237 9.51 23.47 -7.42
C VAL A 237 8.21 24.22 -7.21
N VAL A 238 8.30 25.53 -6.93
CA VAL A 238 7.08 26.33 -6.72
C VAL A 238 6.34 26.50 -8.04
N SER A 239 7.07 26.65 -9.15
CA SER A 239 6.40 26.78 -10.45
C SER A 239 5.83 25.45 -10.92
N PHE A 240 6.55 24.36 -10.66
CA PHE A 240 6.04 23.04 -11.02
C PHE A 240 4.81 22.66 -10.20
N ASN A 241 4.81 23.01 -8.92
CA ASN A 241 3.66 22.70 -8.07
C ASN A 241 2.41 23.44 -8.53
N GLU A 242 2.55 24.71 -8.91
CA GLU A 242 1.42 25.44 -9.47
C GLU A 242 0.95 24.81 -10.79
N TRP A 243 1.91 24.38 -11.62
CA TRP A 243 1.56 23.67 -12.85
C TRP A 243 0.90 22.32 -12.53
N ALA A 244 1.38 21.64 -11.49
CA ALA A 244 0.85 20.33 -11.14
C ALA A 244 -0.60 20.41 -10.70
N LEU A 245 -1.01 21.52 -10.10
CA LEU A 245 -2.37 21.64 -9.57
C LEU A 245 -3.43 21.62 -10.68
N ALA A 246 -3.06 21.97 -11.90
CA ALA A 246 -4.00 22.00 -13.01
C ALA A 246 -3.72 20.92 -14.06
N ASN A 247 -2.91 19.92 -13.71
CA ASN A 247 -2.59 18.87 -14.68
C ASN A 247 -2.64 17.48 -14.07
N GLN A 248 -3.36 17.31 -12.96
CA GLN A 248 -3.52 16.00 -12.30
C GLN A 248 -2.17 15.42 -11.88
N PHE A 249 -1.27 16.28 -11.43
CA PHE A 249 0.02 15.88 -10.88
C PHE A 249 0.10 16.28 -9.42
N THR A 250 0.60 15.38 -8.59
CA THR A 250 0.80 15.71 -7.18
C THR A 250 1.92 16.74 -7.03
N GLU A 251 1.78 17.60 -6.03
CA GLU A 251 2.82 18.58 -5.74
C GLU A 251 4.09 17.87 -5.29
N PHE A 252 5.22 18.30 -5.84
CA PHE A 252 6.49 17.64 -5.58
C PHE A 252 7.08 18.13 -4.26
N VAL A 253 7.49 17.19 -3.41
CA VAL A 253 8.21 17.48 -2.18
C VAL A 253 9.51 16.69 -2.20
N GLY A 254 10.64 17.39 -2.23
CA GLY A 254 11.92 16.72 -2.28
C GLY A 254 12.27 16.05 -0.97
N THR A 255 13.01 14.96 -1.07
CA THR A 255 13.49 14.20 0.07
C THR A 255 14.99 13.96 -0.06
N GLN A 256 15.59 13.44 1.00
CA GLN A 256 17.01 13.08 0.95
C GLN A 256 17.27 11.99 -0.09
N SER A 257 16.32 11.07 -0.26
CA SER A 257 16.48 10.02 -1.26
CA SER A 257 16.48 10.01 -1.25
C SER A 257 16.56 10.59 -2.66
N VAL A 258 15.73 11.59 -2.96
CA VAL A 258 15.77 12.23 -4.27
C VAL A 258 17.09 12.96 -4.46
N ASP A 259 17.62 13.54 -3.39
CA ASP A 259 18.88 14.30 -3.49
C ASP A 259 20.04 13.39 -3.86
N MET A 260 20.06 12.16 -3.33
CA MET A 260 21.14 11.23 -3.66
C MET A 260 21.15 10.90 -5.14
N LEU A 261 19.98 10.70 -5.74
CA LEU A 261 19.91 10.47 -7.18
C LEU A 261 20.38 11.69 -7.94
N ALA A 262 20.03 12.89 -7.47
CA ALA A 262 20.51 14.11 -8.12
C ALA A 262 22.02 14.25 -8.01
N VAL A 263 22.57 13.98 -6.82
CA VAL A 263 24.02 14.13 -6.64
C VAL A 263 24.78 13.05 -7.38
N LYS A 264 24.22 11.84 -7.50
CA LYS A 264 24.90 10.79 -8.23
C LYS A 264 24.87 11.05 -9.73
N THR A 265 23.68 11.28 -10.28
CA THR A 265 23.56 11.51 -11.72
C THR A 265 24.13 12.85 -12.15
N GLY A 266 24.21 13.83 -11.24
CA GLY A 266 24.62 15.16 -11.61
C GLY A 266 23.55 16.00 -12.28
N VAL A 267 22.30 15.55 -12.26
CA VAL A 267 21.18 16.25 -12.87
C VAL A 267 20.32 16.83 -11.76
N ALA A 268 20.05 18.14 -11.85
CA ALA A 268 19.22 18.80 -10.85
C ALA A 268 17.77 18.34 -10.97
N ILE A 269 17.08 18.31 -9.82
CA ILE A 269 15.68 17.92 -9.80
C ILE A 269 14.85 18.88 -10.63
N GLU A 270 15.17 20.18 -10.55
CA GLU A 270 14.43 21.19 -11.30
C GLU A 270 14.56 20.97 -12.81
N GLN A 271 15.67 20.39 -13.26
CA GLN A 271 15.80 20.01 -14.66
C GLN A 271 14.77 18.94 -15.03
N LEU A 272 14.57 17.97 -14.14
CA LEU A 272 13.61 16.90 -14.40
C LEU A 272 12.18 17.42 -14.36
N LEU A 273 11.88 18.33 -13.42
CA LEU A 273 10.53 18.89 -13.34
C LEU A 273 10.16 19.61 -14.63
N TYR A 274 11.12 20.32 -15.24
CA TYR A 274 10.90 20.88 -16.56
C TYR A 274 10.66 19.79 -17.59
N ALA A 275 11.42 18.69 -17.50
CA ALA A 275 11.23 17.58 -18.43
C ALA A 275 9.85 16.95 -18.26
N ILE A 276 9.38 16.81 -17.01
CA ILE A 276 8.06 16.22 -16.77
C ILE A 276 6.97 17.02 -17.47
N GLN A 277 7.05 18.35 -17.40
CA GLN A 277 6.04 19.19 -18.02
C GLN A 277 5.99 18.98 -19.53
N GLN A 278 7.16 18.89 -20.17
CA GLN A 278 7.20 18.67 -21.61
C GLN A 278 6.94 17.21 -21.98
N LEU A 279 7.36 16.27 -21.13
CA LEU A 279 7.06 14.86 -21.39
C LEU A 279 5.58 14.57 -21.21
N TYR A 280 4.89 15.33 -20.36
CA TYR A 280 3.45 15.15 -20.22
C TYR A 280 2.72 15.47 -21.51
N THR A 281 3.15 16.52 -22.22
CA THR A 281 2.52 16.88 -23.48
C THR A 281 2.75 15.84 -24.58
N GLY A 282 3.69 14.92 -24.38
CA GLY A 282 3.92 13.86 -25.35
C GLY A 282 5.37 13.43 -25.45
N PHE A 283 5.60 12.13 -25.60
CA PHE A 283 6.95 11.61 -25.75
C PHE A 283 7.50 11.81 -27.16
N GLN A 284 6.66 12.21 -28.11
CA GLN A 284 7.09 12.54 -29.48
C GLN A 284 7.77 11.36 -30.15
N GLY A 285 7.24 10.16 -29.94
CA GLY A 285 7.73 8.98 -30.61
C GLY A 285 8.94 8.33 -29.99
N LYS A 286 9.49 8.90 -28.93
CA LYS A 286 10.63 8.33 -28.23
C LYS A 286 10.17 7.52 -27.03
N GLN A 287 11.10 6.78 -26.44
CA GLN A 287 10.79 5.90 -25.31
C GLN A 287 11.77 6.12 -24.18
N ILE A 288 11.30 5.93 -22.96
CA ILE A 288 12.12 5.95 -21.76
C ILE A 288 11.89 4.64 -21.02
N LEU A 289 12.95 3.86 -20.83
CA LEU A 289 12.87 2.55 -20.18
C LEU A 289 11.88 1.64 -20.89
N GLY A 290 11.82 1.75 -22.22
CA GLY A 290 10.88 0.96 -22.97
C GLY A 290 9.43 1.34 -22.75
N SER A 291 9.17 2.56 -22.28
CA SER A 291 7.83 3.02 -22.01
C SER A 291 7.58 4.34 -22.72
N THR A 292 6.34 4.54 -23.15
CA THR A 292 5.91 5.77 -23.79
C THR A 292 5.12 6.67 -22.85
N MET A 293 5.02 6.31 -21.57
CA MET A 293 4.30 7.09 -20.59
C MET A 293 5.13 7.20 -19.32
N LEU A 294 4.89 8.27 -18.56
CA LEU A 294 5.60 8.46 -17.30
C LEU A 294 5.14 7.43 -16.28
N GLU A 295 6.09 6.91 -15.51
CA GLU A 295 5.84 5.88 -14.51
C GLU A 295 6.01 6.47 -13.12
N ASP A 296 4.97 6.34 -12.29
CA ASP A 296 5.03 6.78 -10.90
C ASP A 296 4.90 5.61 -9.93
N GLU A 297 5.18 4.39 -10.39
CA GLU A 297 5.07 3.19 -9.58
C GLU A 297 6.39 2.78 -8.96
N PHE A 298 7.44 3.61 -9.08
CA PHE A 298 8.73 3.34 -8.48
C PHE A 298 9.13 4.53 -7.63
N THR A 299 9.35 4.29 -6.34
CA THR A 299 9.73 5.33 -5.40
C THR A 299 11.22 5.66 -5.52
N PRO A 300 11.64 6.82 -5.03
CA PRO A 300 13.08 7.12 -4.99
C PRO A 300 13.87 6.09 -4.21
N GLU A 301 13.29 5.54 -3.14
CA GLU A 301 13.97 4.48 -2.40
C GLU A 301 14.17 3.25 -3.28
N ASP A 302 13.14 2.87 -4.05
CA ASP A 302 13.24 1.70 -4.91
C ASP A 302 14.39 1.83 -5.90
N VAL A 303 14.53 3.02 -6.52
CA VAL A 303 15.65 3.26 -7.41
C VAL A 303 16.96 3.22 -6.64
N ASN A 304 16.95 3.72 -5.39
CA ASN A 304 18.17 3.76 -4.59
C ASN A 304 18.67 2.35 -4.26
N MET A 305 17.78 1.44 -3.86
CA MET A 305 18.22 0.11 -3.47
C MET A 305 18.46 -0.79 -4.67
N GLN A 306 17.56 -0.76 -5.67
CA GLN A 306 17.62 -1.73 -6.75
C GLN A 306 18.74 -1.44 -7.74
N ILE A 307 19.13 -0.19 -7.91
CA ILE A 307 20.13 0.20 -8.89
C ILE A 307 21.50 0.39 -8.27
N MET A 308 21.58 1.23 -7.23
CA MET A 308 22.85 1.56 -6.61
C MET A 308 23.10 0.82 -5.30
N GLY A 309 22.14 0.00 -4.85
CA GLY A 309 22.33 -0.73 -3.61
C GLY A 309 22.40 0.15 -2.38
N VAL A 310 21.60 1.21 -2.33
CA VAL A 310 21.59 2.14 -1.22
C VAL A 310 20.23 2.05 -0.54
N VAL A 311 20.23 1.76 0.75
CA VAL A 311 18.99 1.63 1.51
C VAL A 311 18.95 2.67 2.63
C13 UTL B . -13.92 -9.06 -2.78
C18 UTL B . -18.96 -4.96 -4.50
C17 UTL B . -17.21 -3.81 -5.85
C16 UTL B . -17.69 -4.13 -4.45
C15 UTL B . -16.63 -4.91 -3.72
C19 UTL B . -19.36 -1.79 -4.62
C21 UTL B . -20.02 -0.36 -6.45
C22 UTL B . -21.33 -0.65 -6.15
C24 UTL B . -20.71 -2.05 -4.34
C1 UTL B . -16.98 -4.90 -1.37
C2 UTL B . -16.43 -5.98 0.73
C3 UTL B . -17.15 -5.98 2.08
C4 UTL B . -17.87 -4.67 2.44
C5 UTL B . -16.89 -3.52 2.51
C6 UTL B . -18.62 -4.82 3.75
C7 UTL B . -15.70 -7.31 0.51
C8 UTL B . -13.54 -8.45 0.21
C9 UTL B . -12.49 -8.11 -0.85
C10 UTL B . -13.11 -7.90 -2.22
C14 UTL B . -12.92 -9.11 1.43
C11 UTL B . -12.12 -7.64 -3.35
C12 UTL B . -13.92 -8.79 -4.28
C20 UTL B . -19.03 -0.94 -5.66
C23 UTL B . -21.70 -1.48 -5.12
F1 UTL B . -22.30 -0.09 -6.92
N1 UTL B . -17.35 -5.70 -0.35
N2 UTL B . -14.37 -7.29 0.53
N3 UTL B . -12.64 -8.13 -4.47
O1 UTL B . -16.38 -3.85 -1.24
O2 UTL B . -11.03 -7.06 -3.23
O3 UTL B . -13.92 -9.80 2.14
O4 UTL B . -16.35 -8.34 0.31
O5 UTL B . -17.25 -5.49 -2.54
S1 UTL B . -18.10 -2.52 -3.62
#